data_6V61
#
_entry.id   6V61
#
_cell.length_a   77.893
_cell.length_b   77.893
_cell.length_c   241.426
_cell.angle_alpha   90.000
_cell.angle_beta   90.000
_cell.angle_gamma   120.000
#
_symmetry.space_group_name_H-M   'H 3 2'
#
loop_
_entity.id
_entity.type
_entity.pdbx_description
1 polymer Beta-lactamase
2 non-polymer 'ZINC ION'
3 non-polymer 1,2-ETHANEDIOL
4 non-polymer L-CAPTOPRIL
5 non-polymer 'SODIUM ION'
6 non-polymer 'FORMIC ACID'
7 non-polymer 'CHLORIDE ION'
8 water water
#
_entity_poly.entity_id   1
_entity_poly.type   'polypeptide(L)'
_entity_poly.pdbx_seq_one_letter_code
;SNAQSEQSTHIEGVAEKPVEFVKLGTGVWMHTGYKVVPPWGNIRTNGLIIERGDYSVLVDTAWNDAQTAEIVAWAKDTLQ
KPIRASIHTHAHSDKMGGMDALHMLGVETFATDLTNRLAIERGLMPAKNVLNISEIGSQIEWEGLTILYPGGGHSEDNIV
VNEGVNNILFGGCMIRPGMTTSLGNIDDANLGYWSKAVENAANAFPDSQIVIPSHGKPAGREILKNTAYITRPKL
;
_entity_poly.pdbx_strand_id   A
#
# COMPACT_ATOMS: atom_id res chain seq x y z
N ALA A 15 11.95 21.37 5.46
CA ALA A 15 11.44 21.42 4.09
C ALA A 15 11.06 20.03 3.60
N GLU A 16 9.85 19.92 3.05
CA GLU A 16 9.34 18.63 2.59
C GLU A 16 10.08 18.16 1.34
N LYS A 17 10.63 16.95 1.40
CA LYS A 17 11.36 16.39 0.26
C LYS A 17 10.39 16.05 -0.88
N PRO A 18 10.86 16.11 -2.13
CA PRO A 18 9.96 15.91 -3.27
C PRO A 18 9.66 14.44 -3.55
N VAL A 19 8.69 14.23 -4.45
CA VAL A 19 8.21 12.90 -4.83
C VAL A 19 9.28 12.20 -5.67
N GLU A 20 9.34 10.86 -5.55
CA GLU A 20 10.34 10.04 -6.22
C GLU A 20 9.67 8.83 -6.87
N PHE A 21 10.25 8.39 -7.98
CA PHE A 21 9.85 7.20 -8.72
C PHE A 21 11.06 6.30 -8.91
N VAL A 22 10.92 5.01 -8.57
CA VAL A 22 12.00 4.05 -8.79
C VAL A 22 11.41 2.75 -9.36
N LYS A 23 12.12 2.17 -10.34
CA LYS A 23 11.69 0.91 -10.93
C LYS A 23 12.03 -0.28 -10.01
N LEU A 24 11.03 -1.12 -9.75
CA LEU A 24 11.22 -2.34 -8.98
C LEU A 24 11.26 -3.60 -9.83
N GLY A 25 10.60 -3.60 -10.98
CA GLY A 25 10.63 -4.73 -11.88
C GLY A 25 9.92 -4.37 -13.16
N THR A 26 9.76 -5.34 -14.05
CA THR A 26 9.13 -5.06 -15.34
C THR A 26 7.73 -4.53 -15.13
N GLY A 27 7.50 -3.29 -15.54
CA GLY A 27 6.19 -2.69 -15.39
C GLY A 27 5.77 -2.39 -13.97
N VAL A 28 6.69 -2.39 -13.00
CA VAL A 28 6.33 -2.12 -11.61
C VAL A 28 7.23 -1.04 -11.06
N TRP A 29 6.62 0.04 -10.58
CA TRP A 29 7.29 1.26 -10.12
C TRP A 29 6.88 1.57 -8.69
N MET A 30 7.80 2.08 -7.90
CA MET A 30 7.48 2.58 -6.56
C MET A 30 7.36 4.10 -6.64
N HIS A 31 6.29 4.64 -6.07
CA HIS A 31 6.19 6.07 -5.82
C HIS A 31 6.40 6.35 -4.34
N THR A 32 7.09 7.47 -4.06
CA THR A 32 7.44 7.84 -2.69
C THR A 32 7.19 9.32 -2.50
N GLY A 33 6.39 9.67 -1.48
CA GLY A 33 6.16 11.05 -1.10
C GLY A 33 6.59 11.29 0.33
N TYR A 34 6.84 12.55 0.71
CA TYR A 34 7.36 12.87 2.04
C TYR A 34 6.46 13.84 2.76
N LYS A 35 6.47 13.76 4.09
CA LYS A 35 5.74 14.69 4.94
C LYS A 35 6.60 14.99 6.14
N VAL A 36 6.67 16.25 6.52
CA VAL A 36 7.38 16.65 7.73
C VAL A 36 6.45 16.47 8.92
N VAL A 37 6.82 15.55 9.81
CA VAL A 37 6.03 15.23 11.00
C VAL A 37 6.88 15.51 12.23
N PRO A 38 6.66 16.63 12.92
CA PRO A 38 7.44 16.90 14.12
C PRO A 38 7.19 15.85 15.17
N PRO A 39 8.20 15.55 16.03
CA PRO A 39 9.50 16.20 16.06
C PRO A 39 10.56 15.56 15.16
N TRP A 40 10.23 14.44 14.50
CA TRP A 40 11.27 13.69 13.83
C TRP A 40 11.53 14.14 12.41
N GLY A 41 10.63 14.91 11.81
CA GLY A 41 10.91 15.46 10.49
C GLY A 41 10.32 14.67 9.34
N ASN A 42 11.02 14.69 8.21
CA ASN A 42 10.52 14.08 6.98
C ASN A 42 10.35 12.58 7.11
N ILE A 43 9.20 12.07 6.69
N ILE A 43 9.20 12.09 6.66
CA ILE A 43 8.96 10.63 6.70
CA ILE A 43 8.85 10.68 6.68
C ILE A 43 8.35 10.24 5.36
C ILE A 43 8.37 10.29 5.29
N ARG A 44 8.89 9.18 4.77
CA ARG A 44 8.46 8.70 3.45
C ARG A 44 7.22 7.83 3.58
N THR A 45 6.44 7.80 2.51
CA THR A 45 5.46 6.75 2.32
C THR A 45 5.58 6.26 0.89
N ASN A 46 5.45 4.95 0.72
CA ASN A 46 5.63 4.28 -0.57
C ASN A 46 4.33 3.64 -1.05
N GLY A 47 4.10 3.73 -2.35
CA GLY A 47 3.07 2.96 -3.05
C GLY A 47 3.59 2.44 -4.37
N LEU A 48 2.71 1.87 -5.22
CA LEU A 48 3.14 1.29 -6.49
C LEU A 48 2.35 1.84 -7.68
N ILE A 49 3.00 1.83 -8.84
CA ILE A 49 2.36 1.95 -10.14
C ILE A 49 2.64 0.66 -10.89
N ILE A 50 1.58 0.03 -11.41
N ILE A 50 1.59 0.03 -11.43
CA ILE A 50 1.67 -1.27 -12.08
CA ILE A 50 1.73 -1.26 -12.09
C ILE A 50 1.17 -1.08 -13.51
C ILE A 50 1.17 -1.15 -13.49
N GLU A 51 2.01 -1.38 -14.49
CA GLU A 51 1.60 -1.24 -15.89
C GLU A 51 0.68 -2.39 -16.31
N ARG A 52 -0.35 -2.07 -17.10
N ARG A 52 -0.32 -2.04 -17.13
CA ARG A 52 -1.40 -3.02 -17.48
CA ARG A 52 -1.11 -3.00 -17.89
C ARG A 52 -1.77 -2.89 -18.97
C ARG A 52 -0.86 -2.71 -19.37
N GLY A 53 -0.79 -3.09 -19.85
N GLY A 53 -1.71 -3.22 -20.27
CA GLY A 53 -1.11 -3.00 -21.26
CA GLY A 53 -1.39 -3.18 -21.69
C GLY A 53 -0.98 -1.58 -21.78
C GLY A 53 -1.17 -1.77 -22.22
N ASP A 54 -2.11 -0.87 -21.95
CA ASP A 54 -2.02 0.52 -22.39
C ASP A 54 -2.53 1.49 -21.31
N TYR A 55 -2.67 1.01 -20.09
CA TYR A 55 -3.00 1.83 -18.92
C TYR A 55 -2.21 1.26 -17.76
N SER A 56 -2.34 1.90 -16.59
N SER A 56 -2.33 1.91 -16.59
CA SER A 56 -1.70 1.39 -15.39
CA SER A 56 -1.69 1.42 -15.38
C SER A 56 -2.70 1.43 -14.24
C SER A 56 -2.72 1.38 -14.26
N VAL A 57 -2.33 0.76 -13.14
CA VAL A 57 -3.11 0.82 -11.91
C VAL A 57 -2.19 1.25 -10.76
N LEU A 58 -2.80 1.79 -9.71
CA LEU A 58 -2.09 2.43 -8.62
C LEU A 58 -2.36 1.70 -7.32
N VAL A 59 -1.31 1.47 -6.53
CA VAL A 59 -1.46 1.01 -5.14
C VAL A 59 -1.12 2.18 -4.25
N ASP A 60 -2.15 2.73 -3.57
CA ASP A 60 -2.11 3.79 -2.57
C ASP A 60 -1.87 5.19 -3.17
N THR A 61 -2.47 6.20 -2.53
CA THR A 61 -2.07 7.57 -2.80
C THR A 61 -0.75 7.87 -2.09
N ALA A 62 -0.26 9.09 -2.27
CA ALA A 62 0.78 9.61 -1.39
C ALA A 62 0.11 10.45 -0.29
N TRP A 63 0.87 11.36 0.33
CA TRP A 63 0.37 12.02 1.53
C TRP A 63 -0.79 12.96 1.26
N ASN A 64 -0.88 13.52 0.05
CA ASN A 64 -1.84 14.59 -0.18
C ASN A 64 -2.18 14.64 -1.67
N ASP A 65 -3.11 15.54 -2.00
CA ASP A 65 -3.57 15.66 -3.38
C ASP A 65 -2.45 16.06 -4.33
N ALA A 66 -1.61 17.03 -3.94
CA ALA A 66 -0.58 17.52 -4.85
C ALA A 66 0.42 16.42 -5.20
N GLN A 67 0.89 15.68 -4.18
CA GLN A 67 1.80 14.57 -4.46
C GLN A 67 1.12 13.53 -5.33
N THR A 68 -0.14 13.22 -5.03
CA THR A 68 -0.86 12.19 -5.77
C THR A 68 -1.09 12.63 -7.21
N ALA A 69 -1.40 13.91 -7.43
CA ALA A 69 -1.55 14.38 -8.81
C ALA A 69 -0.23 14.26 -9.57
N GLU A 70 0.90 14.45 -8.88
CA GLU A 70 2.19 14.32 -9.55
C GLU A 70 2.41 12.87 -10.00
N ILE A 71 1.98 11.91 -9.18
CA ILE A 71 2.07 10.49 -9.57
C ILE A 71 1.22 10.19 -10.79
N VAL A 72 -0.04 10.65 -10.78
CA VAL A 72 -0.90 10.44 -11.96
C VAL A 72 -0.26 11.03 -13.21
N ALA A 73 0.28 12.24 -13.11
CA ALA A 73 0.88 12.87 -14.29
C ALA A 73 2.09 12.07 -14.77
N TRP A 74 2.85 11.52 -13.83
CA TRP A 74 4.04 10.75 -14.21
C TRP A 74 3.66 9.50 -15.00
N ALA A 75 2.62 8.78 -14.57
CA ALA A 75 2.20 7.61 -15.33
C ALA A 75 1.71 8.01 -16.72
N LYS A 76 0.96 9.11 -16.82
CA LYS A 76 0.46 9.56 -18.11
C LYS A 76 1.60 9.95 -19.04
N ASP A 77 2.55 10.74 -18.53
CA ASP A 77 3.47 11.43 -19.42
C ASP A 77 4.79 10.69 -19.61
N THR A 78 5.21 9.88 -18.64
CA THR A 78 6.46 9.14 -18.69
C THR A 78 6.25 7.69 -19.13
N LEU A 79 5.34 6.97 -18.49
CA LEU A 79 4.99 5.61 -18.91
C LEU A 79 4.10 5.58 -20.13
N GLN A 80 3.39 6.69 -20.41
CA GLN A 80 2.38 6.72 -21.46
C GLN A 80 1.33 5.64 -21.22
N LYS A 81 1.07 5.36 -19.93
CA LYS A 81 0.07 4.39 -19.51
C LYS A 81 -0.70 5.02 -18.36
N PRO A 82 -1.74 5.78 -18.68
CA PRO A 82 -2.45 6.55 -17.64
C PRO A 82 -3.05 5.64 -16.59
N ILE A 83 -3.12 6.17 -15.37
CA ILE A 83 -3.72 5.43 -14.25
C ILE A 83 -5.23 5.38 -14.42
N ARG A 84 -5.75 4.16 -14.52
CA ARG A 84 -7.17 3.88 -14.70
C ARG A 84 -7.88 3.61 -13.38
N ALA A 85 -7.20 3.01 -12.42
CA ALA A 85 -7.86 2.53 -11.22
C ALA A 85 -6.83 2.39 -10.12
N SER A 86 -7.31 2.32 -8.88
CA SER A 86 -6.39 2.27 -7.75
C SER A 86 -6.96 1.41 -6.64
N ILE A 87 -6.08 0.88 -5.79
CA ILE A 87 -6.48 0.19 -4.56
C ILE A 87 -5.77 0.85 -3.38
N HIS A 88 -6.42 0.80 -2.21
CA HIS A 88 -5.93 1.50 -1.03
C HIS A 88 -5.81 0.53 0.13
N THR A 89 -4.64 0.50 0.78
CA THR A 89 -4.32 -0.64 1.63
C THR A 89 -4.65 -0.45 3.11
N HIS A 90 -5.07 0.75 3.53
CA HIS A 90 -5.84 0.96 4.77
C HIS A 90 -6.18 2.45 4.89
N ALA A 91 -7.01 2.78 5.88
CA ALA A 91 -7.63 4.10 5.99
C ALA A 91 -6.78 5.08 6.82
N HIS A 92 -5.53 5.30 6.39
CA HIS A 92 -4.71 6.37 6.95
C HIS A 92 -4.30 7.33 5.85
N SER A 93 -3.83 8.51 6.27
CA SER A 93 -3.65 9.60 5.31
C SER A 93 -2.42 9.40 4.41
N ASP A 94 -1.50 8.51 4.76
CA ASP A 94 -0.43 8.22 3.81
C ASP A 94 -0.89 7.33 2.65
N LYS A 95 -2.02 6.63 2.80
CA LYS A 95 -2.55 5.74 1.78
C LYS A 95 -3.77 6.29 1.08
N MET A 96 -4.51 7.19 1.73
CA MET A 96 -5.74 7.74 1.17
C MET A 96 -5.78 9.27 1.28
N GLY A 97 -4.63 9.90 1.57
CA GLY A 97 -4.60 11.36 1.67
C GLY A 97 -4.84 12.07 0.35
N GLY A 98 -4.69 11.37 -0.77
CA GLY A 98 -4.85 12.03 -2.06
C GLY A 98 -6.05 11.56 -2.86
N MET A 99 -7.07 11.03 -2.16
CA MET A 99 -8.24 10.50 -2.85
C MET A 99 -8.95 11.54 -3.72
N ASP A 100 -9.10 12.77 -3.21
CA ASP A 100 -9.79 13.79 -3.99
C ASP A 100 -9.09 14.01 -5.33
N ALA A 101 -7.75 13.98 -5.32
CA ALA A 101 -7.02 14.14 -6.57
C ALA A 101 -7.28 12.98 -7.51
N LEU A 102 -7.28 11.75 -7.00
CA LEU A 102 -7.59 10.60 -7.84
C LEU A 102 -8.97 10.74 -8.48
N HIS A 103 -9.96 11.13 -7.68
CA HIS A 103 -11.32 11.24 -8.21
C HIS A 103 -11.42 12.34 -9.25
N MET A 104 -10.77 13.49 -9.01
CA MET A 104 -10.85 14.54 -10.02
C MET A 104 -10.09 14.17 -11.30
N LEU A 105 -9.09 13.31 -11.20
CA LEU A 105 -8.29 12.92 -12.35
C LEU A 105 -8.83 11.67 -13.05
N GLY A 106 -10.04 11.25 -12.70
CA GLY A 106 -10.69 10.18 -13.45
C GLY A 106 -10.26 8.77 -13.07
N VAL A 107 -9.59 8.59 -11.93
CA VAL A 107 -9.13 7.28 -11.46
C VAL A 107 -10.25 6.60 -10.69
N GLU A 108 -10.51 5.33 -11.00
CA GLU A 108 -11.57 4.58 -10.35
C GLU A 108 -10.99 3.87 -9.13
N THR A 109 -11.45 4.23 -7.92
CA THR A 109 -10.78 3.86 -6.69
C THR A 109 -11.48 2.69 -6.01
N PHE A 110 -10.68 1.80 -5.39
CA PHE A 110 -11.17 0.59 -4.74
C PHE A 110 -10.60 0.46 -3.34
N ALA A 111 -11.44 0.05 -2.39
CA ALA A 111 -10.99 -0.29 -1.05
C ALA A 111 -12.01 -1.25 -0.45
N THR A 112 -11.65 -1.87 0.67
CA THR A 112 -12.64 -2.71 1.33
C THR A 112 -13.72 -1.85 2.00
N ASP A 113 -14.86 -2.48 2.29
CA ASP A 113 -15.92 -1.75 2.98
C ASP A 113 -15.45 -1.24 4.34
N LEU A 114 -14.67 -2.05 5.07
CA LEU A 114 -14.17 -1.60 6.36
C LEU A 114 -13.21 -0.41 6.20
N THR A 115 -12.33 -0.46 5.22
CA THR A 115 -11.47 0.69 4.97
C THR A 115 -12.28 1.93 4.65
N ASN A 116 -13.30 1.81 3.82
CA ASN A 116 -14.13 2.98 3.51
C ASN A 116 -14.81 3.53 4.75
N ARG A 117 -15.34 2.65 5.61
CA ARG A 117 -16.03 3.13 6.80
C ARG A 117 -15.08 3.84 7.74
N LEU A 118 -13.87 3.29 7.91
CA LEU A 118 -12.87 3.95 8.75
C LEU A 118 -12.44 5.27 8.15
N ALA A 119 -12.28 5.32 6.82
CA ALA A 119 -11.89 6.54 6.14
C ALA A 119 -12.89 7.66 6.43
N ILE A 120 -14.18 7.39 6.23
CA ILE A 120 -15.21 8.40 6.46
C ILE A 120 -15.14 8.91 7.89
N GLU A 121 -15.01 8.00 8.85
CA GLU A 121 -14.94 8.39 10.25
C GLU A 121 -13.81 9.38 10.50
N ARG A 122 -12.70 9.22 9.80
CA ARG A 122 -11.48 9.96 10.04
C ARG A 122 -11.37 11.22 9.19
N GLY A 123 -12.40 11.54 8.42
CA GLY A 123 -12.32 12.70 7.56
C GLY A 123 -11.59 12.46 6.26
N LEU A 124 -11.23 11.21 5.97
CA LEU A 124 -10.68 10.84 4.67
C LEU A 124 -11.83 10.53 3.72
N MET A 125 -11.53 10.63 2.45
CA MET A 125 -12.55 10.32 1.44
C MET A 125 -12.54 8.83 1.12
N PRO A 126 -13.69 8.17 1.10
CA PRO A 126 -13.73 6.73 0.79
C PRO A 126 -13.49 6.46 -0.69
N ALA A 127 -13.10 5.24 -0.98
CA ALA A 127 -13.02 4.79 -2.37
C ALA A 127 -14.42 4.63 -2.97
N LYS A 128 -14.47 4.69 -4.32
CA LYS A 128 -15.74 4.58 -5.04
C LYS A 128 -16.30 3.18 -5.11
N ASN A 129 -15.44 2.16 -4.98
CA ASN A 129 -15.84 0.77 -5.20
C ASN A 129 -15.35 -0.08 -4.05
N VAL A 130 -16.14 -1.09 -3.69
CA VAL A 130 -15.80 -1.99 -2.59
C VAL A 130 -15.15 -3.27 -3.12
N LEU A 131 -13.99 -3.62 -2.53
CA LEU A 131 -13.39 -4.94 -2.64
C LEU A 131 -14.02 -5.88 -1.61
N ASN A 132 -14.61 -6.99 -2.07
CA ASN A 132 -15.32 -7.90 -1.19
C ASN A 132 -14.36 -8.93 -0.59
N ILE A 133 -13.52 -8.46 0.34
CA ILE A 133 -12.63 -9.32 1.12
C ILE A 133 -12.73 -8.87 2.57
N SER A 134 -13.49 -9.59 3.38
CA SER A 134 -13.67 -9.18 4.75
C SER A 134 -13.26 -10.24 5.76
N GLU A 135 -13.16 -11.50 5.36
N GLU A 135 -13.16 -11.50 5.35
CA GLU A 135 -12.78 -12.58 6.27
CA GLU A 135 -12.78 -12.58 6.27
C GLU A 135 -11.28 -12.80 6.22
C GLU A 135 -11.28 -12.80 6.22
N ILE A 136 -10.71 -13.17 7.36
CA ILE A 136 -9.27 -13.39 7.45
C ILE A 136 -8.87 -14.47 6.47
N GLY A 137 -7.89 -14.17 5.63
CA GLY A 137 -7.41 -15.08 4.61
C GLY A 137 -8.10 -14.95 3.26
N SER A 138 -9.12 -14.11 3.14
CA SER A 138 -9.79 -13.99 1.86
C SER A 138 -8.88 -13.29 0.85
N GLN A 139 -8.89 -13.80 -0.37
CA GLN A 139 -8.12 -13.24 -1.48
C GLN A 139 -9.04 -12.97 -2.66
N ILE A 140 -8.67 -11.96 -3.44
CA ILE A 140 -9.33 -11.72 -4.72
C ILE A 140 -8.29 -11.32 -5.74
N GLU A 141 -8.58 -11.61 -7.01
N GLU A 141 -8.57 -11.61 -7.00
CA GLU A 141 -7.76 -11.12 -8.11
CA GLU A 141 -7.78 -11.11 -8.11
C GLU A 141 -8.30 -9.78 -8.58
C GLU A 141 -8.32 -9.75 -8.52
N TRP A 142 -7.40 -8.81 -8.75
CA TRP A 142 -7.78 -7.47 -9.15
C TRP A 142 -6.70 -6.96 -10.08
N GLU A 143 -7.04 -6.79 -11.37
CA GLU A 143 -6.13 -6.20 -12.35
C GLU A 143 -4.77 -6.91 -12.36
N GLY A 144 -4.83 -8.24 -12.34
CA GLY A 144 -3.64 -9.07 -12.39
C GLY A 144 -2.88 -9.18 -11.08
N LEU A 145 -3.41 -8.60 -10.00
CA LEU A 145 -2.78 -8.62 -8.70
C LEU A 145 -3.59 -9.53 -7.80
N THR A 146 -2.94 -10.10 -6.80
CA THR A 146 -3.68 -10.82 -5.76
C THR A 146 -3.75 -9.92 -4.55
N ILE A 147 -4.97 -9.67 -4.07
N ILE A 147 -4.97 -9.68 -4.07
CA ILE A 147 -5.19 -8.84 -2.88
CA ILE A 147 -5.22 -8.87 -2.89
C ILE A 147 -5.59 -9.77 -1.76
C ILE A 147 -5.59 -9.80 -1.76
N LEU A 148 -4.94 -9.65 -0.62
CA LEU A 148 -5.17 -10.54 0.52
C LEU A 148 -5.53 -9.71 1.74
N TYR A 149 -6.56 -10.16 2.50
CA TYR A 149 -6.77 -9.63 3.83
C TYR A 149 -6.15 -10.61 4.81
N PRO A 150 -5.02 -10.30 5.43
CA PRO A 150 -4.33 -11.27 6.27
C PRO A 150 -4.78 -11.25 7.72
N GLY A 151 -5.77 -10.42 8.05
CA GLY A 151 -6.17 -10.18 9.42
C GLY A 151 -5.57 -8.88 9.92
N GLY A 152 -6.09 -8.43 11.06
CA GLY A 152 -5.64 -7.17 11.61
C GLY A 152 -4.19 -7.20 12.05
N GLY A 153 -3.48 -6.08 11.79
CA GLY A 153 -2.10 -5.97 12.21
C GLY A 153 -1.75 -4.53 12.54
N HIS A 154 -1.08 -3.83 11.63
CA HIS A 154 -0.89 -2.40 11.79
C HIS A 154 -2.22 -1.71 12.00
N SER A 155 -3.25 -2.14 11.27
N SER A 155 -3.24 -2.15 11.27
CA SER A 155 -4.61 -1.64 11.39
CA SER A 155 -4.60 -1.66 11.41
C SER A 155 -5.56 -2.82 11.19
C SER A 155 -5.56 -2.84 11.22
N GLU A 156 -6.80 -2.69 11.70
CA GLU A 156 -7.74 -3.79 11.55
C GLU A 156 -8.06 -4.06 10.09
N ASP A 157 -7.93 -3.04 9.23
CA ASP A 157 -8.35 -3.13 7.84
C ASP A 157 -7.20 -3.36 6.88
N ASN A 158 -5.98 -3.55 7.37
CA ASN A 158 -4.85 -3.57 6.44
C ASN A 158 -4.94 -4.75 5.46
N ILE A 159 -4.64 -4.48 4.18
CA ILE A 159 -4.60 -5.52 3.16
C ILE A 159 -3.20 -5.47 2.52
N VAL A 160 -2.82 -6.57 1.89
CA VAL A 160 -1.54 -6.60 1.17
C VAL A 160 -1.82 -6.98 -0.27
N VAL A 161 -0.85 -6.66 -1.14
CA VAL A 161 -1.04 -6.76 -2.59
C VAL A 161 0.18 -7.45 -3.18
N ASN A 162 -0.04 -8.55 -3.92
CA ASN A 162 1.06 -9.29 -4.53
C ASN A 162 1.01 -9.19 -6.05
N GLU A 163 2.17 -8.91 -6.65
CA GLU A 163 2.32 -8.85 -8.09
C GLU A 163 3.13 -10.08 -8.53
N GLY A 164 2.46 -11.02 -9.19
CA GLY A 164 3.02 -12.35 -9.40
C GLY A 164 3.97 -12.51 -10.56
N VAL A 165 4.07 -11.52 -11.45
CA VAL A 165 5.01 -11.62 -12.57
C VAL A 165 6.43 -11.41 -12.07
N ASN A 166 6.66 -10.30 -11.36
CA ASN A 166 7.95 -10.04 -10.77
C ASN A 166 8.11 -10.61 -9.37
N ASN A 167 7.01 -11.09 -8.78
CA ASN A 167 7.01 -11.63 -7.41
C ASN A 167 7.43 -10.54 -6.42
N ILE A 168 6.63 -9.47 -6.44
CA ILE A 168 6.78 -8.32 -5.55
C ILE A 168 5.58 -8.30 -4.63
N LEU A 169 5.84 -8.36 -3.32
CA LEU A 169 4.79 -8.29 -2.31
C LEU A 169 4.80 -6.90 -1.70
N PHE A 170 3.68 -6.17 -1.85
CA PHE A 170 3.52 -4.87 -1.23
C PHE A 170 2.89 -5.07 0.14
N GLY A 171 3.68 -4.85 1.18
CA GLY A 171 3.19 -5.08 2.53
C GLY A 171 2.57 -3.85 3.16
N GLY A 172 2.81 -2.69 2.56
CA GLY A 172 2.29 -1.44 3.11
C GLY A 172 2.77 -1.25 4.54
N CYS A 173 1.91 -0.66 5.37
CA CYS A 173 2.36 -0.28 6.70
C CYS A 173 2.33 -1.46 7.66
N MET A 174 1.76 -2.60 7.24
CA MET A 174 1.81 -3.81 8.04
C MET A 174 3.23 -4.35 8.15
N ILE A 175 4.14 -3.99 7.24
CA ILE A 175 5.52 -4.46 7.29
C ILE A 175 6.40 -3.29 7.71
N ARG A 176 7.17 -3.48 8.79
CA ARG A 176 8.05 -2.44 9.28
C ARG A 176 9.36 -2.44 8.50
N PRO A 177 10.05 -1.31 8.47
CA PRO A 177 11.25 -1.20 7.64
C PRO A 177 12.49 -1.75 8.31
N GLY A 178 13.37 -2.31 7.48
CA GLY A 178 14.74 -2.58 7.90
C GLY A 178 14.83 -3.48 9.10
N MET A 179 15.76 -3.15 10.00
CA MET A 179 15.93 -3.88 11.26
C MET A 179 15.43 -3.06 12.44
N THR A 180 14.48 -2.17 12.22
CA THR A 180 13.92 -1.40 13.33
C THR A 180 13.25 -2.32 14.34
N THR A 181 13.17 -1.83 15.58
CA THR A 181 12.34 -2.47 16.58
C THR A 181 11.15 -1.60 16.95
N SER A 182 11.05 -0.41 16.37
CA SER A 182 9.87 0.43 16.58
C SER A 182 8.70 -0.07 15.75
N LEU A 183 7.51 0.15 16.27
CA LEU A 183 6.29 -0.35 15.65
C LEU A 183 5.52 0.74 14.91
N GLY A 184 6.01 1.98 14.94
CA GLY A 184 5.23 3.06 14.34
C GLY A 184 4.09 3.42 15.27
N ASN A 185 3.09 4.11 14.69
CA ASN A 185 1.92 4.48 15.46
C ASN A 185 1.02 3.25 15.62
N ILE A 186 0.78 2.85 16.85
CA ILE A 186 0.04 1.62 17.12
C ILE A 186 -1.31 1.91 17.77
N ASP A 187 -1.80 3.16 17.66
CA ASP A 187 -2.99 3.53 18.42
C ASP A 187 -4.20 2.66 18.08
N ASP A 188 -4.30 2.20 16.84
CA ASP A 188 -5.39 1.31 16.43
C ASP A 188 -4.85 0.02 15.81
N ALA A 189 -3.67 -0.38 16.21
CA ALA A 189 -3.13 -1.65 15.78
C ALA A 189 -3.85 -2.80 16.49
N ASN A 190 -3.78 -3.98 15.87
CA ASN A 190 -4.15 -5.25 16.50
C ASN A 190 -2.85 -5.90 16.99
N LEU A 191 -2.44 -5.56 18.21
CA LEU A 191 -1.16 -6.06 18.71
C LEU A 191 -1.19 -7.58 18.89
N GLY A 192 -2.36 -8.14 19.18
CA GLY A 192 -2.44 -9.57 19.39
C GLY A 192 -2.28 -10.40 18.12
N TYR A 193 -2.75 -9.89 16.99
CA TYR A 193 -2.81 -10.68 15.76
C TYR A 193 -1.75 -10.31 14.73
N TRP A 194 -1.06 -9.18 14.90
CA TRP A 194 -0.21 -8.63 13.85
C TRP A 194 0.84 -9.64 13.37
N SER A 195 1.51 -10.35 14.30
N SER A 195 1.51 -10.33 14.29
CA SER A 195 2.56 -11.27 13.84
CA SER A 195 2.55 -11.27 13.85
C SER A 195 1.97 -12.41 13.03
C SER A 195 1.96 -12.40 13.02
N LYS A 196 0.78 -12.89 13.41
CA LYS A 196 0.10 -13.92 12.64
C LYS A 196 -0.31 -13.39 11.27
N ALA A 197 -0.75 -12.14 11.21
CA ALA A 197 -1.10 -11.55 9.93
C ALA A 197 0.10 -11.51 9.00
N VAL A 198 1.29 -11.19 9.55
CA VAL A 198 2.52 -11.19 8.74
C VAL A 198 2.81 -12.60 8.25
N GLU A 199 2.73 -13.58 9.15
CA GLU A 199 2.91 -14.98 8.76
C GLU A 199 1.91 -15.38 7.68
N ASN A 200 0.67 -14.91 7.80
CA ASN A 200 -0.35 -15.26 6.81
C ASN A 200 0.04 -14.72 5.43
N ALA A 201 0.51 -13.47 5.38
CA ALA A 201 0.99 -12.91 4.11
C ALA A 201 2.19 -13.67 3.58
N ALA A 202 3.16 -13.98 4.45
CA ALA A 202 4.37 -14.69 3.99
C ALA A 202 4.02 -16.06 3.44
N ASN A 203 3.10 -16.77 4.10
CA ASN A 203 2.71 -18.09 3.62
C ASN A 203 1.89 -18.03 2.34
N ALA A 204 1.11 -16.96 2.16
CA ALA A 204 0.28 -16.80 0.97
C ALA A 204 1.11 -16.53 -0.27
N PHE A 205 2.24 -15.85 -0.13
CA PHE A 205 3.05 -15.40 -1.27
C PHE A 205 4.50 -15.83 -1.08
N PRO A 206 4.77 -17.13 -1.13
CA PRO A 206 6.12 -17.61 -0.82
C PRO A 206 7.15 -17.26 -1.86
N ASP A 207 6.73 -16.96 -3.09
CA ASP A 207 7.67 -16.74 -4.18
C ASP A 207 8.17 -15.32 -4.25
N SER A 208 7.62 -14.41 -3.44
CA SER A 208 7.96 -13.00 -3.53
C SER A 208 9.22 -12.72 -2.71
N GLN A 209 10.30 -12.40 -3.40
CA GLN A 209 11.57 -12.08 -2.76
C GLN A 209 11.84 -10.58 -2.69
N ILE A 210 10.91 -9.77 -3.20
CA ILE A 210 10.94 -8.32 -3.07
C ILE A 210 9.74 -7.94 -2.20
N VAL A 211 10.00 -7.26 -1.09
CA VAL A 211 8.96 -6.88 -0.13
C VAL A 211 9.02 -5.38 0.08
N ILE A 212 7.89 -4.70 -0.07
CA ILE A 212 7.85 -3.24 -0.01
C ILE A 212 7.11 -2.83 1.26
N PRO A 213 7.77 -2.16 2.21
CA PRO A 213 7.07 -1.50 3.32
C PRO A 213 6.71 -0.08 2.92
N SER A 214 5.71 0.48 3.59
CA SER A 214 5.38 1.87 3.30
C SER A 214 6.48 2.83 3.75
N HIS A 215 7.13 2.56 4.88
CA HIS A 215 7.92 3.61 5.53
C HIS A 215 9.41 3.31 5.58
N GLY A 216 9.91 2.54 4.61
CA GLY A 216 11.33 2.29 4.53
C GLY A 216 11.69 1.86 3.13
N LYS A 217 12.88 1.34 2.99
CA LYS A 217 13.40 0.95 1.69
C LYS A 217 12.83 -0.41 1.26
N PRO A 218 12.69 -0.63 -0.06
CA PRO A 218 12.43 -1.98 -0.56
C PRO A 218 13.47 -2.95 -0.01
N ALA A 219 13.02 -4.15 0.32
CA ALA A 219 13.94 -5.13 0.91
C ALA A 219 13.50 -6.53 0.47
N GLY A 220 14.04 -7.54 1.14
CA GLY A 220 13.68 -8.92 0.90
C GLY A 220 12.80 -9.46 2.01
N ARG A 221 12.71 -10.80 2.06
CA ARG A 221 11.80 -11.41 3.02
C ARG A 221 12.29 -11.30 4.46
N GLU A 222 13.53 -10.88 4.68
CA GLU A 222 13.98 -10.62 6.04
C GLU A 222 13.15 -9.56 6.76
N ILE A 223 12.50 -8.63 6.05
CA ILE A 223 11.68 -7.67 6.79
C ILE A 223 10.29 -8.23 7.10
N LEU A 224 9.86 -9.30 6.40
CA LEU A 224 8.72 -10.05 6.92
C LEU A 224 9.09 -10.74 8.23
N LYS A 225 10.22 -11.45 8.24
CA LYS A 225 10.63 -12.16 9.45
C LYS A 225 10.87 -11.19 10.61
N ASN A 226 11.55 -10.07 10.33
CA ASN A 226 11.82 -9.11 11.41
C ASN A 226 10.54 -8.49 11.94
N THR A 227 9.62 -8.10 11.05
CA THR A 227 8.36 -7.51 11.52
C THR A 227 7.60 -8.49 12.40
N ALA A 228 7.48 -9.73 11.93
CA ALA A 228 6.78 -10.74 12.72
C ALA A 228 7.41 -10.93 14.10
N TYR A 229 8.75 -10.85 14.19
CA TYR A 229 9.41 -10.97 15.48
C TYR A 229 9.14 -9.76 16.36
N ILE A 230 9.33 -8.55 15.85
CA ILE A 230 9.24 -7.39 16.75
C ILE A 230 7.81 -7.13 17.18
N THR A 231 6.80 -7.55 16.42
CA THR A 231 5.41 -7.39 16.84
C THR A 231 4.80 -8.64 17.47
N ARG A 232 5.62 -9.70 17.72
CA ARG A 232 5.07 -10.94 18.28
C ARG A 232 4.78 -10.80 19.77
N PRO A 233 3.71 -11.46 20.26
CA PRO A 233 3.49 -11.57 21.72
C PRO A 233 4.56 -12.42 22.41
#